data_8W44
#
_entry.id   8W44
#
_cell.length_a   43.226
_cell.length_b   84.334
_cell.length_c   62.916
_cell.angle_alpha   90.00
_cell.angle_beta   90.00
_cell.angle_gamma   90.00
#
_symmetry.space_group_name_H-M   'P 21 21 2'
#
loop_
_entity.id
_entity.type
_entity.pdbx_description
1 polymer Transthyretin
2 non-polymer trans-oxyresveratrol
3 non-polymer 'SODIUM ION'
4 water water
#
_entity_poly.entity_id   1
_entity_poly.type   'polypeptide(L)'
_entity_poly.pdbx_seq_one_letter_code
;MRGSHHHHHHGSMASHRLLLLCLAGLVFVSEAGPTGTGESKCPLMVKVLDAVRGSPAINVAMHVFRKAADDTWEPFASGK
TSESGELHGLTTEEEFVEGIYKVEIDTKSYWKALGISPFHEHAEVVFTANDSGPRRYTIAALLSPYSYSTTAVVTNPKE
;
_entity_poly.pdbx_strand_id   A,B
#
# COMPACT_ATOMS: atom_id res chain seq x y z
N CYS A 42 -12.61 -20.23 4.28
CA CYS A 42 -12.50 -18.82 3.93
C CYS A 42 -11.19 -18.57 3.18
N PRO A 43 -11.26 -18.44 1.86
CA PRO A 43 -10.03 -18.28 1.07
C PRO A 43 -9.36 -16.93 1.23
N LEU A 44 -10.09 -15.90 1.64
CA LEU A 44 -9.52 -14.57 1.79
C LEU A 44 -10.16 -13.93 3.01
N MET A 45 -9.33 -13.54 3.98
CA MET A 45 -9.81 -12.83 5.16
C MET A 45 -8.89 -11.64 5.38
N VAL A 46 -9.46 -10.54 5.86
CA VAL A 46 -8.69 -9.33 6.15
C VAL A 46 -8.91 -8.94 7.60
N LYS A 47 -7.82 -8.65 8.30
CA LYS A 47 -7.88 -8.25 9.71
C LYS A 47 -7.19 -6.89 9.85
N VAL A 48 -7.85 -5.97 10.54
CA VAL A 48 -7.34 -4.60 10.65
C VAL A 48 -7.26 -4.23 12.12
N LEU A 49 -6.12 -3.69 12.53
CA LEU A 49 -5.85 -3.30 13.92
C LEU A 49 -5.51 -1.82 14.01
N ASP A 50 -5.86 -1.24 15.15
CA ASP A 50 -5.69 0.20 15.40
C ASP A 50 -4.56 0.37 16.39
N ALA A 51 -3.45 0.96 15.94
CA ALA A 51 -2.24 1.15 16.75
C ALA A 51 -2.32 2.35 17.68
N VAL A 52 -3.31 3.22 17.52
CA VAL A 52 -3.50 4.36 18.40
C VAL A 52 -4.30 3.97 19.62
N ARG A 53 -5.38 3.22 19.42
CA ARG A 53 -6.30 2.89 20.49
C ARG A 53 -6.08 1.50 21.09
N GLY A 54 -5.28 0.65 20.44
CA GLY A 54 -5.03 -0.68 20.96
C GLY A 54 -6.28 -1.54 20.86
N SER A 55 -6.89 -1.55 19.69
CA SER A 55 -8.17 -2.20 19.50
C SER A 55 -8.21 -2.75 18.09
N PRO A 56 -9.11 -3.68 17.80
CA PRO A 56 -9.44 -3.95 16.40
C PRO A 56 -9.93 -2.65 15.78
N ALA A 57 -9.70 -2.51 14.48
CA ALA A 57 -10.25 -1.40 13.73
C ALA A 57 -11.61 -1.85 13.21
N ILE A 58 -12.67 -1.32 13.83
CA ILE A 58 -14.03 -1.78 13.60
C ILE A 58 -14.70 -0.91 12.56
N ASN A 59 -15.55 -1.53 11.73
CA ASN A 59 -16.33 -0.80 10.72
C ASN A 59 -15.45 -0.12 9.69
N VAL A 60 -14.32 -0.74 9.36
CA VAL A 60 -13.44 -0.24 8.31
C VAL A 60 -13.89 -0.82 6.98
N ALA A 61 -14.20 0.05 6.03
CA ALA A 61 -14.61 -0.38 4.70
C ALA A 61 -13.41 -0.76 3.87
N MET A 62 -13.59 -1.75 2.99
CA MET A 62 -12.55 -2.05 2.04
C MET A 62 -13.16 -2.60 0.76
N HIS A 63 -12.45 -2.39 -0.33
CA HIS A 63 -12.86 -2.85 -1.64
C HIS A 63 -11.75 -3.71 -2.24
N VAL A 64 -12.14 -4.84 -2.83
CA VAL A 64 -11.22 -5.75 -3.48
C VAL A 64 -11.45 -5.66 -4.98
N PHE A 65 -10.36 -5.59 -5.73
CA PHE A 65 -10.39 -5.54 -7.18
C PHE A 65 -9.52 -6.66 -7.73
N ARG A 66 -9.82 -7.06 -8.96
CA ARG A 66 -9.03 -8.06 -9.65
C ARG A 66 -8.66 -7.52 -11.02
N LYS A 67 -7.39 -7.68 -11.42
CA LYS A 67 -6.93 -7.15 -12.69
C LYS A 67 -7.54 -7.93 -13.85
N ALA A 68 -8.17 -7.19 -14.76
CA ALA A 68 -8.81 -7.81 -15.91
C ALA A 68 -7.82 -8.01 -17.04
N ALA A 69 -8.28 -8.71 -18.09
CA ALA A 69 -7.41 -9.02 -19.22
C ALA A 69 -6.89 -7.77 -19.91
N ASP A 70 -7.64 -6.66 -19.84
CA ASP A 70 -7.23 -5.40 -20.41
C ASP A 70 -6.42 -4.53 -19.45
N ASP A 71 -5.92 -5.11 -18.35
CA ASP A 71 -5.11 -4.44 -17.34
C ASP A 71 -5.89 -3.42 -16.51
N THR A 72 -7.22 -3.43 -16.58
CA THR A 72 -8.02 -2.57 -15.72
C THR A 72 -8.39 -3.31 -14.44
N TRP A 73 -8.72 -2.53 -13.40
CA TRP A 73 -9.13 -3.10 -12.12
C TRP A 73 -10.64 -3.31 -12.11
N GLU A 74 -11.05 -4.56 -12.03
CA GLU A 74 -12.48 -4.88 -11.99
C GLU A 74 -12.93 -5.05 -10.55
N PRO A 75 -14.06 -4.46 -10.15
CA PRO A 75 -14.59 -4.73 -8.80
C PRO A 75 -14.79 -6.22 -8.59
N PHE A 76 -14.31 -6.71 -7.44
CA PHE A 76 -14.34 -8.13 -7.10
C PHE A 76 -15.16 -8.44 -5.85
N ALA A 77 -15.00 -7.68 -4.78
CA ALA A 77 -15.74 -7.87 -3.54
C ALA A 77 -15.53 -6.66 -2.66
N SER A 78 -16.37 -6.52 -1.64
CA SER A 78 -16.19 -5.44 -0.69
C SER A 78 -16.90 -5.80 0.61
N GLY A 79 -16.58 -5.05 1.67
CA GLY A 79 -17.23 -5.26 2.94
C GLY A 79 -16.63 -4.36 4.00
N LYS A 80 -17.06 -4.56 5.25
CA LYS A 80 -16.61 -3.78 6.39
C LYS A 80 -16.15 -4.72 7.48
N THR A 81 -15.12 -4.32 8.24
CA THR A 81 -14.67 -5.16 9.35
C THR A 81 -15.70 -5.20 10.48
N SER A 82 -15.71 -6.33 11.19
CA SER A 82 -16.61 -6.56 12.31
C SER A 82 -16.03 -5.97 13.59
N GLU A 83 -16.69 -6.24 14.72
CA GLU A 83 -16.19 -5.78 16.02
C GLU A 83 -14.87 -6.42 16.38
N SER A 84 -14.49 -7.52 15.73
CA SER A 84 -13.18 -8.13 15.93
C SER A 84 -12.14 -7.58 14.96
N GLY A 85 -12.51 -6.63 14.12
CA GLY A 85 -11.60 -6.10 13.13
C GLY A 85 -11.40 -6.99 11.93
N GLU A 86 -12.23 -8.02 11.77
CA GLU A 86 -12.06 -9.00 10.71
C GLU A 86 -13.18 -8.88 9.69
N LEU A 87 -12.83 -9.14 8.44
CA LEU A 87 -13.79 -9.21 7.36
C LEU A 87 -13.67 -10.60 6.75
N HIS A 88 -14.69 -11.40 6.94
CA HIS A 88 -14.78 -12.77 6.43
C HIS A 88 -15.82 -12.80 5.30
N GLY A 89 -15.78 -13.86 4.51
CA GLY A 89 -16.79 -14.08 3.51
C GLY A 89 -16.71 -13.24 2.26
N LEU A 90 -15.55 -12.63 1.98
CA LEU A 90 -15.42 -11.82 0.77
C LEU A 90 -15.63 -12.65 -0.49
N THR A 91 -15.16 -13.90 -0.51
CA THR A 91 -15.18 -14.68 -1.74
C THR A 91 -15.32 -16.16 -1.39
N THR A 92 -15.27 -17.00 -2.43
CA THR A 92 -15.39 -18.44 -2.31
C THR A 92 -14.23 -19.07 -3.06
N GLU A 93 -13.97 -20.34 -2.75
CA GLU A 93 -12.92 -21.08 -3.46
C GLU A 93 -13.15 -21.04 -4.96
N GLU A 94 -14.41 -21.20 -5.39
CA GLU A 94 -14.69 -21.27 -6.82
C GLU A 94 -14.45 -19.94 -7.51
N GLU A 95 -14.80 -18.84 -6.84
CA GLU A 95 -14.71 -17.51 -7.45
C GLU A 95 -13.30 -16.95 -7.40
N PHE A 96 -12.51 -17.36 -6.41
CA PHE A 96 -11.20 -16.76 -6.13
C PHE A 96 -10.13 -17.46 -6.96
N VAL A 97 -10.17 -17.19 -8.26
CA VAL A 97 -9.26 -17.81 -9.23
C VAL A 97 -7.89 -17.14 -9.21
N GLU A 98 -6.92 -17.73 -9.92
CA GLU A 98 -5.64 -17.05 -10.15
C GLU A 98 -5.88 -15.64 -10.64
N GLY A 99 -5.06 -14.72 -10.17
CA GLY A 99 -5.12 -13.37 -10.70
C GLY A 99 -4.32 -12.44 -9.82
N ILE A 100 -4.28 -11.18 -10.25
CA ILE A 100 -3.71 -10.11 -9.45
C ILE A 100 -4.85 -9.39 -8.76
N TYR A 101 -4.78 -9.31 -7.44
CA TYR A 101 -5.84 -8.71 -6.63
C TYR A 101 -5.31 -7.50 -5.89
N LYS A 102 -6.19 -6.53 -5.67
CA LYS A 102 -5.88 -5.35 -4.88
C LYS A 102 -6.93 -5.22 -3.80
N VAL A 103 -6.49 -5.15 -2.55
CA VAL A 103 -7.36 -4.81 -1.42
C VAL A 103 -7.08 -3.36 -1.07
N GLU A 104 -8.11 -2.52 -1.14
CA GLU A 104 -8.00 -1.09 -0.85
C GLU A 104 -8.81 -0.81 0.41
N ILE A 105 -8.11 -0.54 1.51
CA ILE A 105 -8.72 -0.38 2.83
C ILE A 105 -8.94 1.11 3.07
N ASP A 106 -10.18 1.51 3.35
CA ASP A 106 -10.52 2.93 3.53
C ASP A 106 -10.08 3.39 4.92
N THR A 107 -8.77 3.59 5.06
CA THR A 107 -8.23 4.06 6.32
C THR A 107 -8.57 5.53 6.56
N LYS A 108 -8.74 6.30 5.48
CA LYS A 108 -8.99 7.73 5.65
C LYS A 108 -10.29 7.99 6.39
N SER A 109 -11.37 7.32 5.99
CA SER A 109 -12.66 7.53 6.68
C SER A 109 -12.58 7.08 8.13
N TYR A 110 -11.86 6.00 8.40
CA TYR A 110 -11.70 5.52 9.75
C TYR A 110 -11.07 6.58 10.65
N TRP A 111 -9.97 7.17 10.22
CA TRP A 111 -9.32 8.18 11.04
C TRP A 111 -10.16 9.45 11.14
N LYS A 112 -10.76 9.88 10.02
CA LYS A 112 -11.55 11.10 10.06
C LYS A 112 -12.71 10.99 11.04
N ALA A 113 -13.32 9.80 11.14
CA ALA A 113 -14.41 9.62 12.09
C ALA A 113 -13.94 9.76 13.54
N LEU A 114 -12.66 9.54 13.80
CA LEU A 114 -12.09 9.75 15.12
C LEU A 114 -11.54 11.16 15.30
N GLY A 115 -11.74 12.04 14.32
CA GLY A 115 -11.24 13.39 14.41
C GLY A 115 -9.78 13.56 14.06
N ILE A 116 -9.19 12.58 13.38
CA ILE A 116 -7.78 12.62 12.99
C ILE A 116 -7.72 12.81 11.49
N SER A 117 -6.88 13.74 11.04
CA SER A 117 -6.63 13.94 9.63
C SER A 117 -5.41 13.10 9.26
N PRO A 118 -5.61 11.95 8.61
CA PRO A 118 -4.51 11.02 8.38
C PRO A 118 -3.74 11.36 7.11
N PHE A 119 -2.63 10.64 6.93
CA PHE A 119 -1.78 10.87 5.78
C PHE A 119 -2.30 10.18 4.52
N HIS A 120 -2.63 8.89 4.61
CA HIS A 120 -2.94 8.09 3.44
C HIS A 120 -4.40 8.22 3.02
N GLU A 121 -4.64 8.10 1.72
CA GLU A 121 -6.00 7.97 1.22
C GLU A 121 -6.60 6.62 1.58
N HIS A 122 -5.77 5.59 1.53
CA HIS A 122 -6.17 4.22 1.84
C HIS A 122 -4.88 3.45 2.03
N ALA A 123 -5.01 2.24 2.57
CA ALA A 123 -3.92 1.29 2.60
C ALA A 123 -4.25 0.25 1.55
N GLU A 124 -3.31 -0.05 0.69
CA GLU A 124 -3.61 -1.01 -0.36
C GLU A 124 -2.56 -2.11 -0.41
N VAL A 125 -3.05 -3.29 -0.76
CA VAL A 125 -2.30 -4.53 -0.78
C VAL A 125 -2.56 -5.14 -2.16
N VAL A 126 -1.52 -5.25 -2.98
CA VAL A 126 -1.63 -5.79 -4.33
C VAL A 126 -0.77 -7.05 -4.42
N PHE A 127 -1.37 -8.15 -4.88
CA PHE A 127 -0.70 -9.44 -4.82
C PHE A 127 -1.27 -10.39 -5.86
N THR A 128 -0.43 -11.30 -6.33
CA THR A 128 -0.89 -12.42 -7.14
C THR A 128 -1.39 -13.52 -6.21
N ALA A 129 -2.55 -14.08 -6.52
CA ALA A 129 -3.13 -15.13 -5.70
C ALA A 129 -3.31 -16.39 -6.53
N ASN A 130 -3.10 -17.54 -5.88
CA ASN A 130 -3.50 -18.85 -6.37
C ASN A 130 -2.77 -19.28 -7.64
N ASP A 131 -1.62 -18.71 -7.92
CA ASP A 131 -0.95 -19.07 -9.18
C ASP A 131 -0.23 -20.41 -9.11
N SER A 132 -0.15 -21.03 -7.94
CA SER A 132 0.35 -22.39 -7.81
C SER A 132 -0.73 -23.32 -7.26
N GLY A 133 -1.99 -22.98 -7.47
CA GLY A 133 -3.08 -23.71 -6.88
C GLY A 133 -3.70 -22.94 -5.73
N PRO A 134 -4.85 -23.42 -5.26
CA PRO A 134 -5.61 -22.68 -4.25
C PRO A 134 -4.83 -22.55 -2.95
N ARG A 135 -4.88 -21.34 -2.38
CA ARG A 135 -4.32 -21.06 -1.08
C ARG A 135 -5.33 -20.26 -0.27
N ARG A 136 -5.16 -20.25 1.04
CA ARG A 136 -5.93 -19.39 1.93
C ARG A 136 -5.06 -18.21 2.33
N TYR A 137 -5.62 -17.01 2.21
CA TYR A 137 -4.89 -15.77 2.46
C TYR A 137 -5.52 -15.03 3.63
N THR A 138 -4.70 -14.64 4.60
CA THR A 138 -5.09 -13.66 5.59
C THR A 138 -4.22 -12.43 5.38
N ILE A 139 -4.85 -11.30 5.12
CA ILE A 139 -4.17 -10.02 5.00
C ILE A 139 -4.42 -9.27 6.29
N ALA A 140 -3.34 -8.84 6.96
CA ALA A 140 -3.47 -8.05 8.18
C ALA A 140 -2.90 -6.67 7.94
N ALA A 141 -3.52 -5.67 8.55
CA ALA A 141 -3.06 -4.29 8.43
C ALA A 141 -3.12 -3.66 9.81
N LEU A 142 -2.03 -3.00 10.20
CA LEU A 142 -1.92 -2.30 11.48
C LEU A 142 -1.81 -0.82 11.17
N LEU A 143 -2.78 -0.04 11.64
CA LEU A 143 -2.98 1.34 11.19
C LEU A 143 -2.60 2.37 12.23
N SER A 144 -1.88 3.40 11.78
CA SER A 144 -1.65 4.64 12.52
C SER A 144 -1.96 5.80 11.59
N PRO A 145 -2.14 7.01 12.12
CA PRO A 145 -2.52 8.13 11.24
C PRO A 145 -1.53 8.40 10.12
N TYR A 146 -0.22 8.26 10.35
CA TYR A 146 0.77 8.54 9.32
C TYR A 146 1.53 7.31 8.87
N SER A 147 1.06 6.12 9.20
CA SER A 147 1.83 4.91 8.93
C SER A 147 0.89 3.72 8.88
N TYR A 148 1.26 2.74 8.08
CA TYR A 148 0.63 1.43 8.22
C TYR A 148 1.62 0.33 7.93
N SER A 149 1.37 -0.82 8.54
CA SER A 149 2.11 -2.04 8.31
C SER A 149 1.11 -3.07 7.79
N THR A 150 1.55 -3.94 6.90
CA THR A 150 0.68 -4.99 6.40
C THR A 150 1.49 -6.24 6.17
N THR A 151 0.87 -7.38 6.43
CA THR A 151 1.51 -8.66 6.19
C THR A 151 0.47 -9.62 5.65
N ALA A 152 0.95 -10.75 5.15
CA ALA A 152 0.08 -11.81 4.63
C ALA A 152 0.49 -13.12 5.27
N VAL A 153 -0.50 -13.93 5.60
CA VAL A 153 -0.30 -15.32 5.98
C VAL A 153 -0.95 -16.15 4.89
N VAL A 154 -0.15 -17.00 4.25
CA VAL A 154 -0.60 -17.80 3.11
C VAL A 154 -0.47 -19.26 3.52
N THR A 155 -1.58 -20.00 3.45
CA THR A 155 -1.61 -21.37 3.91
C THR A 155 -2.15 -22.27 2.80
N ASN A 156 -1.58 -23.47 2.70
CA ASN A 156 -2.03 -24.44 1.73
C ASN A 156 -3.01 -25.40 2.39
N PRO A 157 -4.28 -25.43 1.97
CA PRO A 157 -5.28 -26.34 2.53
C PRO A 157 -5.03 -27.78 2.09
N CYS B 42 14.08 19.23 -0.17
CA CYS B 42 13.54 18.20 -1.03
C CYS B 42 12.03 18.05 -0.81
N PRO B 43 11.23 18.48 -1.79
CA PRO B 43 9.77 18.38 -1.63
C PRO B 43 9.28 16.95 -1.43
N LEU B 44 9.91 15.97 -2.10
CA LEU B 44 9.47 14.58 -1.99
C LEU B 44 10.70 13.69 -2.05
N MET B 45 10.92 12.90 -1.00
CA MET B 45 12.01 11.94 -0.96
C MET B 45 11.42 10.61 -0.50
N VAL B 46 11.94 9.51 -1.05
CA VAL B 46 11.52 8.17 -0.66
C VAL B 46 12.73 7.41 -0.16
N LYS B 47 12.60 6.77 0.99
CA LYS B 47 13.66 5.97 1.59
C LYS B 47 13.16 4.55 1.77
N VAL B 48 13.96 3.58 1.34
CA VAL B 48 13.55 2.18 1.35
C VAL B 48 14.60 1.36 2.10
N LEU B 49 14.13 0.51 3.02
CA LEU B 49 14.98 -0.29 3.88
C LEU B 49 14.62 -1.77 3.72
N ASP B 50 15.62 -2.63 3.90
CA ASP B 50 15.49 -4.07 3.75
C ASP B 50 15.54 -4.69 5.15
N ALA B 51 14.40 -5.24 5.57
CA ALA B 51 14.26 -5.85 6.91
C ALA B 51 14.83 -7.26 6.99
N VAL B 52 15.18 -7.88 5.87
CA VAL B 52 15.77 -9.20 5.86
C VAL B 52 17.28 -9.13 6.03
N ARG B 53 17.91 -8.19 5.33
CA ARG B 53 19.37 -8.08 5.34
C ARG B 53 19.89 -6.96 6.24
N GLY B 54 19.02 -6.07 6.73
CA GLY B 54 19.48 -5.00 7.60
C GLY B 54 20.30 -3.98 6.86
N SER B 55 19.78 -3.50 5.74
CA SER B 55 20.54 -2.64 4.84
C SER B 55 19.57 -1.69 4.16
N PRO B 56 20.06 -0.59 3.60
CA PRO B 56 19.24 0.12 2.62
C PRO B 56 18.85 -0.82 1.50
N ALA B 57 17.69 -0.57 0.91
CA ALA B 57 17.26 -1.30 -0.28
C ALA B 57 17.71 -0.49 -1.49
N ILE B 58 18.75 -0.97 -2.15
CA ILE B 58 19.44 -0.26 -3.23
C ILE B 58 18.81 -0.65 -4.57
N ASN B 59 18.77 0.30 -5.51
CA ASN B 59 18.32 0.03 -6.87
C ASN B 59 16.86 -0.39 -6.93
N VAL B 60 16.05 0.11 -6.02
CA VAL B 60 14.62 -0.17 -6.02
C VAL B 60 13.94 0.86 -6.90
N ALA B 61 13.24 0.39 -7.93
CA ALA B 61 12.56 1.25 -8.88
C ALA B 61 11.19 1.66 -8.35
N MET B 62 10.78 2.89 -8.67
CA MET B 62 9.43 3.33 -8.34
C MET B 62 8.96 4.38 -9.33
N HIS B 63 7.64 4.43 -9.52
CA HIS B 63 6.99 5.49 -10.26
C HIS B 63 6.05 6.24 -9.33
N VAL B 64 5.89 7.54 -9.58
CA VAL B 64 4.96 8.39 -8.85
C VAL B 64 3.91 8.89 -9.85
N PHE B 65 2.65 8.80 -9.44
CA PHE B 65 1.54 9.24 -10.26
C PHE B 65 0.73 10.27 -9.48
N ARG B 66 -0.04 11.07 -10.23
CA ARG B 66 -0.93 12.06 -9.64
C ARG B 66 -2.31 11.85 -10.23
N LYS B 67 -3.33 11.84 -9.38
CA LYS B 67 -4.68 11.54 -9.83
C LYS B 67 -5.21 12.68 -10.71
N ALA B 68 -5.71 12.33 -11.89
CA ALA B 68 -6.26 13.33 -12.80
C ALA B 68 -7.74 13.55 -12.51
N ALA B 69 -8.32 14.56 -13.18
CA ALA B 69 -9.71 14.92 -12.94
C ALA B 69 -10.68 13.81 -13.29
N ASP B 70 -10.28 12.87 -14.14
CA ASP B 70 -11.11 11.74 -14.51
C ASP B 70 -10.81 10.48 -13.70
N ASP B 71 -10.09 10.62 -12.58
CA ASP B 71 -9.71 9.53 -11.68
C ASP B 71 -8.67 8.58 -12.25
N THR B 72 -8.08 8.89 -13.40
CA THR B 72 -6.97 8.10 -13.89
C THR B 72 -5.67 8.59 -13.26
N TRP B 73 -4.65 7.75 -13.30
CA TRP B 73 -3.36 8.05 -12.69
C TRP B 73 -2.42 8.60 -13.77
N GLU B 74 -2.06 9.87 -13.65
CA GLU B 74 -1.18 10.57 -14.59
C GLU B 74 0.28 10.41 -14.15
N PRO B 75 1.18 10.07 -15.05
CA PRO B 75 2.61 10.00 -14.68
C PRO B 75 3.09 11.32 -14.09
N PHE B 76 3.87 11.24 -13.01
CA PHE B 76 4.35 12.45 -12.34
C PHE B 76 5.85 12.48 -12.11
N ALA B 77 6.46 11.38 -11.66
CA ALA B 77 7.89 11.34 -11.38
C ALA B 77 8.30 9.87 -11.32
N SER B 78 9.61 9.62 -11.26
CA SER B 78 10.09 8.26 -11.08
C SER B 78 11.59 8.26 -10.80
N GLY B 79 12.10 7.09 -10.46
CA GLY B 79 13.52 6.92 -10.25
C GLY B 79 13.79 5.60 -9.53
N LYS B 80 15.07 5.41 -9.17
CA LYS B 80 15.43 4.26 -8.36
C LYS B 80 16.30 4.68 -7.19
N THR B 81 16.22 3.91 -6.10
CA THR B 81 16.97 4.28 -4.91
C THR B 81 18.48 4.17 -5.12
N SER B 82 19.21 5.03 -4.44
CA SER B 82 20.66 5.08 -4.45
C SER B 82 21.24 4.01 -3.53
N GLU B 83 22.57 4.03 -3.38
CA GLU B 83 23.23 3.12 -2.44
C GLU B 83 22.83 3.37 -1.00
N SER B 84 22.26 4.54 -0.69
CA SER B 84 21.75 4.82 0.64
C SER B 84 20.29 4.39 0.80
N GLY B 85 19.70 3.77 -0.22
CA GLY B 85 18.29 3.46 -0.18
C GLY B 85 17.36 4.63 -0.39
N GLU B 86 17.87 5.77 -0.85
CA GLU B 86 17.09 6.99 -0.94
C GLU B 86 16.93 7.42 -2.39
N LEU B 87 15.77 8.01 -2.67
CA LEU B 87 15.49 8.60 -3.97
C LEU B 87 15.11 10.05 -3.74
N HIS B 88 16.00 10.96 -4.16
CA HIS B 88 15.84 12.40 -4.06
C HIS B 88 15.59 12.97 -5.45
N GLY B 89 15.19 14.24 -5.49
CA GLY B 89 15.07 14.93 -6.76
C GLY B 89 13.90 14.53 -7.61
N LEU B 90 12.85 13.95 -7.00
CA LEU B 90 11.67 13.52 -7.75
C LEU B 90 10.93 14.68 -8.36
N THR B 91 10.80 15.80 -7.63
CA THR B 91 10.00 16.93 -8.10
C THR B 91 10.61 18.22 -7.58
N THR B 92 9.98 19.34 -7.92
CA THR B 92 10.36 20.64 -7.40
C THR B 92 9.17 21.22 -6.65
N GLU B 93 9.44 22.23 -5.82
CA GLU B 93 8.37 22.84 -5.06
C GLU B 93 7.27 23.38 -5.97
N GLU B 94 7.66 24.04 -7.07
CA GLU B 94 6.68 24.67 -7.96
C GLU B 94 5.79 23.65 -8.65
N GLU B 95 6.35 22.48 -9.00
CA GLU B 95 5.57 21.47 -9.72
C GLU B 95 4.69 20.64 -8.80
N PHE B 96 5.01 20.58 -7.52
CA PHE B 96 4.39 19.66 -6.58
C PHE B 96 3.28 20.43 -5.87
N VAL B 97 2.08 20.39 -6.46
CA VAL B 97 0.95 21.14 -5.93
C VAL B 97 -0.08 20.15 -5.37
N GLU B 98 -1.21 20.69 -4.89
CA GLU B 98 -2.23 19.84 -4.31
C GLU B 98 -2.64 18.75 -5.28
N GLY B 99 -2.79 17.55 -4.76
CA GLY B 99 -3.26 16.42 -5.53
C GLY B 99 -3.20 15.18 -4.68
N ILE B 100 -3.76 14.12 -5.24
CA ILE B 100 -3.59 12.79 -4.68
C ILE B 100 -2.48 12.12 -5.45
N TYR B 101 -1.45 11.68 -4.72
CA TYR B 101 -0.26 11.09 -5.32
C TYR B 101 -0.18 9.62 -4.95
N LYS B 102 0.38 8.82 -5.85
CA LYS B 102 0.60 7.41 -5.61
C LYS B 102 2.06 7.11 -5.91
N VAL B 103 2.77 6.61 -4.92
CA VAL B 103 4.12 6.09 -5.11
C VAL B 103 4.00 4.57 -5.22
N GLU B 104 4.39 4.03 -6.37
CA GLU B 104 4.31 2.60 -6.64
C GLU B 104 5.74 2.06 -6.68
N ILE B 105 6.13 1.32 -5.64
CA ILE B 105 7.49 0.84 -5.46
C ILE B 105 7.58 -0.60 -5.94
N ASP B 106 8.47 -0.89 -6.89
CA ASP B 106 8.59 -2.24 -7.44
C ASP B 106 9.41 -3.13 -6.48
N THR B 107 8.73 -3.55 -5.41
CA THR B 107 9.34 -4.44 -4.44
C THR B 107 9.50 -5.85 -4.99
N LYS B 108 8.63 -6.25 -5.91
CA LYS B 108 8.69 -7.61 -6.44
C LYS B 108 10.01 -7.86 -7.15
N SER B 109 10.45 -6.91 -7.99
CA SER B 109 11.72 -7.09 -8.69
C SER B 109 12.89 -7.11 -7.73
N TYR B 110 12.80 -6.35 -6.63
CA TYR B 110 13.86 -6.34 -5.63
C TYR B 110 14.04 -7.72 -5.01
N TRP B 111 12.94 -8.34 -4.56
CA TRP B 111 13.03 -9.66 -3.94
C TRP B 111 13.41 -10.73 -4.95
N LYS B 112 12.87 -10.64 -6.17
CA LYS B 112 13.21 -11.63 -7.19
C LYS B 112 14.71 -11.62 -7.50
N ALA B 113 15.34 -10.45 -7.46
CA ALA B 113 16.78 -10.38 -7.68
C ALA B 113 17.56 -11.10 -6.60
N LEU B 114 16.98 -11.28 -5.41
CA LEU B 114 17.58 -12.00 -4.31
C LEU B 114 17.12 -13.45 -4.24
N GLY B 115 16.42 -13.93 -5.27
CA GLY B 115 15.95 -15.30 -5.28
C GLY B 115 14.82 -15.59 -4.32
N ILE B 116 14.04 -14.57 -3.96
CA ILE B 116 12.95 -14.69 -3.00
C ILE B 116 11.65 -14.42 -3.72
N SER B 117 10.67 -15.30 -3.56
CA SER B 117 9.37 -15.11 -4.16
C SER B 117 8.48 -14.32 -3.19
N PRO B 118 8.26 -13.04 -3.43
CA PRO B 118 7.56 -12.21 -2.45
C PRO B 118 6.04 -12.26 -2.62
N PHE B 119 5.35 -11.68 -1.65
CA PHE B 119 3.89 -11.65 -1.69
C PHE B 119 3.36 -10.55 -2.60
N HIS B 120 3.86 -9.33 -2.46
CA HIS B 120 3.24 -8.18 -3.11
C HIS B 120 3.75 -7.98 -4.52
N GLU B 121 2.87 -7.49 -5.39
CA GLU B 121 3.33 -7.03 -6.70
C GLU B 121 4.17 -5.77 -6.56
N HIS B 122 3.78 -4.90 -5.65
CA HIS B 122 4.51 -3.66 -5.39
C HIS B 122 4.01 -3.15 -4.04
N ALA B 123 4.71 -2.17 -3.50
CA ALA B 123 4.25 -1.45 -2.34
C ALA B 123 3.76 -0.09 -2.83
N GLU B 124 2.55 0.27 -2.46
CA GLU B 124 2.06 1.56 -2.90
C GLU B 124 1.62 2.42 -1.72
N VAL B 125 1.85 3.71 -1.89
CA VAL B 125 1.60 4.72 -0.88
C VAL B 125 0.79 5.79 -1.57
N VAL B 126 -0.46 5.96 -1.16
CA VAL B 126 -1.39 6.89 -1.79
C VAL B 126 -1.78 7.95 -0.76
N PHE B 127 -1.61 9.22 -1.11
CA PHE B 127 -1.77 10.28 -0.13
C PHE B 127 -2.11 11.60 -0.83
N THR B 128 -2.86 12.45 -0.15
CA THR B 128 -3.02 13.83 -0.57
C THR B 128 -1.82 14.64 -0.10
N ALA B 129 -1.30 15.48 -0.99
CA ALA B 129 -0.17 16.33 -0.66
C ALA B 129 -0.49 17.77 -1.02
N ASN B 130 0.08 18.69 -0.24
CA ASN B 130 0.09 20.13 -0.50
C ASN B 130 -1.29 20.77 -0.41
N ASP B 131 -2.26 20.12 0.23
CA ASP B 131 -3.59 20.71 0.31
C ASP B 131 -3.63 21.94 1.21
N SER B 132 -2.65 22.09 2.10
CA SER B 132 -2.50 23.30 2.89
C SER B 132 -1.28 24.11 2.45
N GLY B 133 -0.95 24.06 1.16
CA GLY B 133 0.25 24.66 0.65
C GLY B 133 1.43 23.71 0.72
N PRO B 134 2.58 24.16 0.23
CA PRO B 134 3.76 23.28 0.17
C PRO B 134 4.10 22.66 1.52
N ARG B 135 4.48 21.40 1.47
CA ARG B 135 5.15 20.73 2.57
C ARG B 135 6.27 19.87 1.98
N ARG B 136 7.20 19.48 2.83
CA ARG B 136 8.23 18.52 2.46
C ARG B 136 7.84 17.15 2.98
N TYR B 137 7.90 16.14 2.12
CA TYR B 137 7.43 14.80 2.40
C TYR B 137 8.59 13.82 2.30
N THR B 138 8.78 13.02 3.35
CA THR B 138 9.64 11.84 3.27
C THR B 138 8.75 10.63 3.46
N ILE B 139 8.75 9.74 2.48
CA ILE B 139 8.03 8.48 2.55
C ILE B 139 9.07 7.40 2.81
N ALA B 140 8.93 6.66 3.89
CA ALA B 140 9.81 5.55 4.19
C ALA B 140 9.06 4.24 4.04
N ALA B 141 9.74 3.23 3.50
CA ALA B 141 9.16 1.90 3.37
C ALA B 141 10.18 0.88 3.86
N LEU B 142 9.72 -0.02 4.73
CA LEU B 142 10.53 -1.09 5.31
C LEU B 142 10.01 -2.41 4.75
N LEU B 143 10.84 -3.12 3.99
CA LEU B 143 10.40 -4.23 3.16
C LEU B 143 10.80 -5.59 3.74
N SER B 144 9.84 -6.52 3.75
CA SER B 144 10.05 -7.94 3.95
C SER B 144 9.35 -8.69 2.83
N PRO B 145 9.68 -9.97 2.62
CA PRO B 145 9.07 -10.68 1.48
C PRO B 145 7.55 -10.75 1.54
N TYR B 146 6.96 -10.91 2.72
CA TYR B 146 5.50 -11.00 2.85
C TYR B 146 4.88 -9.82 3.58
N SER B 147 5.64 -8.74 3.75
CA SER B 147 5.14 -7.64 4.56
C SER B 147 5.85 -6.36 4.18
N TYR B 148 5.16 -5.24 4.32
CA TYR B 148 5.87 -3.98 4.33
C TYR B 148 5.22 -3.02 5.31
N SER B 149 6.03 -2.09 5.79
CA SER B 149 5.62 -1.01 6.66
C SER B 149 5.97 0.29 5.95
N THR B 150 5.13 1.29 6.09
CA THR B 150 5.44 2.59 5.51
C THR B 150 5.00 3.68 6.46
N THR B 151 5.77 4.76 6.47
CA THR B 151 5.43 5.94 7.26
C THR B 151 5.79 7.18 6.46
N ALA B 152 5.23 8.30 6.89
CA ALA B 152 5.52 9.58 6.28
C ALA B 152 6.02 10.53 7.36
N VAL B 153 7.00 11.35 6.98
CA VAL B 153 7.41 12.50 7.77
C VAL B 153 7.07 13.73 6.94
N VAL B 154 6.22 14.60 7.48
CA VAL B 154 5.74 15.77 6.76
C VAL B 154 6.20 16.99 7.54
N THR B 155 6.93 17.89 6.87
CA THR B 155 7.52 19.04 7.52
C THR B 155 7.16 20.33 6.79
N ASN B 156 6.92 21.38 7.56
CA ASN B 156 6.54 22.66 6.98
C ASN B 156 7.81 23.46 6.67
N PRO B 157 8.01 23.91 5.43
CA PRO B 157 9.18 24.72 5.07
C PRO B 157 9.08 26.14 5.59
#